data_9N6U
#
_entry.id   9N6U
#
_cell.length_a   37.642
_cell.length_b   81.796
_cell.length_c   140.532
_cell.angle_alpha   90.000
_cell.angle_beta   90.000
_cell.angle_gamma   90.000
#
_symmetry.space_group_name_H-M   'P 21 21 21'
#
loop_
_entity.id
_entity.type
_entity.pdbx_description
1 polymer '18F25 Heavy Chain'
2 polymer '18F25 Kappa Chain'
3 non-polymer 'SULFATE ION'
4 water water
#
loop_
_entity_poly.entity_id
_entity_poly.type
_entity_poly.pdbx_seq_one_letter_code
_entity_poly.pdbx_strand_id
1 'polypeptide(L)'
;(PCA)VQLQQSGAELARPGASVKLSCKASGYTFTNYWMQWVKQRPGQGLEWFGAIYPGDGDTRYTQKFKGKATLTADKSS
STAYMQLSSLASEDSAVYYCARSLYLGAMDYWGQGTSVTVSSASTKGPSVFPLAPSSKSTSGGTAALGCLVKDYFPEPVT
VSWNSGALTSGVHTFPAVLQSSGLYSLSSVVTVPSSSLGTQTYICNVNHKPSNTKVDKKVEPKSC
;
H
2 'polypeptide(L)'
;DIVMTQSHKFMSTSVGDRVSITCKASQDVTNDVAWYQQKPGQSPKLLIYSASYRYTGVPDRFTGSGSGTDFIFTISSVQA
EDLAVYYCQQHYSAPPTFGGGTKLEIKRTVAAPSVFIFPPSDEQLKSGTASVVCLLNNFYPREAKVQWKVDNALQSGNSQ
ESVTEQDSKDSTYSLSSTLTLSKADYEKHKVYACEVTHQGLSSPVTKSFNRGEC
;
L
#
# COMPACT_ATOMS: atom_id res chain seq x y z
N VAL A 2 15.04 -0.25 21.10
CA VAL A 2 15.67 0.31 19.91
C VAL A 2 14.60 0.98 19.05
N GLN A 3 14.83 2.26 18.71
CA GLN A 3 13.87 3.03 17.92
C GLN A 3 14.59 3.80 16.84
N LEU A 4 14.02 3.78 15.63
N LEU A 4 14.01 3.80 15.63
CA LEU A 4 14.48 4.59 14.49
CA LEU A 4 14.51 4.58 14.49
C LEU A 4 13.32 5.44 14.03
C LEU A 4 13.36 5.44 13.97
N GLN A 5 13.46 6.76 14.16
CA GLN A 5 12.38 7.69 13.81
C GLN A 5 12.80 8.51 12.59
N GLN A 6 12.06 8.38 11.50
CA GLN A 6 12.38 9.07 10.26
C GLN A 6 11.55 10.33 10.07
N SER A 7 12.05 11.21 9.21
CA SER A 7 11.43 12.50 8.98
C SER A 7 10.23 12.37 8.03
N GLY A 8 9.50 13.48 7.88
CA GLY A 8 8.23 13.45 7.18
C GLY A 8 8.36 13.45 5.67
N ALA A 9 7.24 13.18 5.01
CA ALA A 9 7.20 13.09 3.56
C ALA A 9 7.70 14.37 2.91
N GLU A 10 8.36 14.20 1.76
CA GLU A 10 8.93 15.31 1.01
C GLU A 10 8.32 15.33 -0.38
N LEU A 11 7.94 16.53 -0.83
CA LEU A 11 7.62 16.80 -2.22
C LEU A 11 8.69 17.75 -2.71
N ALA A 12 9.37 17.37 -3.78
CA ALA A 12 10.48 18.16 -4.28
C ALA A 12 10.39 18.30 -5.78
N ARG A 13 10.86 19.44 -6.26
CA ARG A 13 10.88 19.71 -7.69
CA ARG A 13 10.86 19.67 -7.69
C ARG A 13 12.08 19.01 -8.34
N PRO A 14 11.99 18.66 -9.62
CA PRO A 14 13.13 18.06 -10.32
C PRO A 14 14.33 18.99 -10.31
N GLY A 15 15.51 18.41 -10.12
CA GLY A 15 16.74 19.17 -10.01
C GLY A 15 17.06 19.65 -8.61
N ALA A 16 16.09 19.67 -7.70
CA ALA A 16 16.36 20.15 -6.34
C ALA A 16 16.95 19.03 -5.49
N SER A 17 17.21 19.34 -4.22
CA SER A 17 17.78 18.42 -3.26
C SER A 17 16.87 18.31 -2.04
N VAL A 18 16.96 17.18 -1.34
CA VAL A 18 16.29 16.99 -0.06
CA VAL A 18 16.28 16.97 -0.07
C VAL A 18 17.24 16.27 0.87
N LYS A 19 17.05 16.48 2.17
CA LYS A 19 17.85 15.83 3.20
C LYS A 19 16.92 15.17 4.20
N LEU A 20 16.98 13.84 4.29
CA LEU A 20 16.13 13.03 5.15
C LEU A 20 16.91 12.64 6.39
N SER A 21 16.20 12.45 7.51
CA SER A 21 16.86 12.12 8.77
C SER A 21 16.27 10.85 9.37
N CYS A 22 17.09 10.21 10.19
CA CYS A 22 16.77 8.96 10.87
C CYS A 22 17.38 9.05 12.25
N LYS A 23 16.54 9.36 13.25
CA LYS A 23 16.97 9.55 14.63
C LYS A 23 16.94 8.22 15.35
N ALA A 24 18.09 7.76 15.81
CA ALA A 24 18.23 6.47 16.47
C ALA A 24 18.25 6.66 17.98
N SER A 25 17.68 5.69 18.69
CA SER A 25 17.73 5.70 20.14
C SER A 25 17.65 4.28 20.67
N GLY A 26 18.08 4.10 21.91
CA GLY A 26 17.97 2.80 22.56
C GLY A 26 19.15 1.88 22.40
N TYR A 27 20.25 2.34 21.81
CA TYR A 27 21.44 1.52 21.59
C TYR A 27 22.61 2.44 21.34
N THR A 28 23.80 1.85 21.31
CA THR A 28 25.03 2.62 21.08
C THR A 28 25.18 2.83 19.57
N PHE A 29 24.89 4.07 19.14
CA PHE A 29 24.88 4.47 17.74
C PHE A 29 26.16 4.09 17.01
N THR A 30 27.31 4.22 17.67
CA THR A 30 28.60 4.01 17.03
C THR A 30 29.02 2.55 17.00
N ASN A 31 28.19 1.61 17.45
CA ASN A 31 28.48 0.19 17.34
C ASN A 31 27.88 -0.46 16.10
N TYR A 32 27.18 0.31 15.24
CA TYR A 32 26.34 -0.29 14.20
C TYR A 32 26.45 0.47 12.89
N TRP A 33 26.15 -0.24 11.81
CA TRP A 33 25.81 0.40 10.56
C TRP A 33 24.43 1.02 10.65
N MET A 34 24.27 2.19 10.04
CA MET A 34 22.97 2.69 9.61
C MET A 34 22.96 2.66 8.09
N GLN A 35 22.03 1.89 7.51
CA GLN A 35 21.92 1.86 6.06
C GLN A 35 20.55 2.34 5.63
N TRP A 36 20.43 2.54 4.33
CA TRP A 36 19.24 3.10 3.72
C TRP A 36 18.82 2.16 2.60
N VAL A 37 17.52 1.97 2.46
CA VAL A 37 16.91 1.01 1.52
C VAL A 37 15.84 1.76 0.76
N LYS A 38 15.89 1.69 -0.57
CA LYS A 38 14.98 2.43 -1.43
C LYS A 38 13.94 1.49 -1.99
N GLN A 39 12.68 1.94 -2.03
CA GLN A 39 11.59 1.15 -2.60
C GLN A 39 10.73 2.07 -3.44
N ARG A 40 10.88 1.97 -4.75
CA ARG A 40 10.05 2.75 -5.65
C ARG A 40 8.62 2.21 -5.59
N PRO A 41 7.63 3.04 -5.89
CA PRO A 41 6.23 2.61 -5.75
C PRO A 41 5.95 1.32 -6.50
N GLY A 42 5.40 0.34 -5.77
CA GLY A 42 5.06 -0.96 -6.32
C GLY A 42 6.21 -1.90 -6.56
N GLN A 43 7.45 -1.54 -6.23
CA GLN A 43 8.63 -2.32 -6.61
C GLN A 43 9.31 -2.94 -5.39
N GLY A 44 10.43 -3.60 -5.65
CA GLY A 44 11.18 -4.28 -4.62
C GLY A 44 12.15 -3.39 -3.84
N LEU A 45 12.86 -4.02 -2.92
CA LEU A 45 13.82 -3.34 -2.07
C LEU A 45 15.17 -3.22 -2.76
N GLU A 46 15.75 -2.02 -2.71
CA GLU A 46 17.09 -1.77 -3.22
C GLU A 46 17.97 -1.26 -2.09
N TRP A 47 19.08 -1.93 -1.84
CA TRP A 47 20.01 -1.44 -0.83
C TRP A 47 20.73 -0.23 -1.40
N PHE A 48 20.69 0.88 -0.68
CA PHE A 48 21.12 2.17 -1.21
C PHE A 48 22.55 2.50 -0.77
N GLY A 49 22.79 2.58 0.53
CA GLY A 49 24.11 2.87 1.04
C GLY A 49 24.08 2.85 2.55
N ALA A 50 25.27 2.95 3.14
CA ALA A 50 25.37 2.89 4.59
C ALA A 50 26.49 3.79 5.08
N ILE A 51 26.35 4.18 6.34
CA ILE A 51 27.43 4.83 7.06
C ILE A 51 27.68 4.08 8.37
N TYR A 52 28.94 4.00 8.77
CA TYR A 52 29.34 3.46 10.06
C TYR A 52 29.80 4.64 10.90
N PRO A 53 28.94 5.23 11.74
CA PRO A 53 29.31 6.52 12.36
C PRO A 53 30.50 6.43 13.27
N GLY A 54 30.80 5.24 13.81
CA GLY A 54 31.97 5.06 14.65
C GLY A 54 33.27 5.53 13.99
N ASP A 55 33.44 5.26 12.69
CA ASP A 55 34.65 5.73 12.01
C ASP A 55 34.37 6.57 10.78
N GLY A 56 33.12 6.84 10.44
CA GLY A 56 32.77 7.67 9.30
C GLY A 56 32.74 6.97 7.96
N ASP A 57 33.11 5.69 7.90
CA ASP A 57 33.16 5.01 6.61
C ASP A 57 31.78 4.93 5.97
N THR A 58 31.72 5.21 4.66
CA THR A 58 30.48 5.07 3.91
C THR A 58 30.66 4.01 2.83
N ARG A 59 29.54 3.44 2.41
CA ARG A 59 29.54 2.45 1.34
C ARG A 59 28.26 2.64 0.55
N TYR A 60 28.37 2.84 -0.76
CA TYR A 60 27.21 3.09 -1.60
C TYR A 60 27.12 2.01 -2.66
N THR A 61 25.89 1.56 -2.95
CA THR A 61 25.65 0.89 -4.23
C THR A 61 26.04 1.84 -5.35
N GLN A 62 26.74 1.31 -6.36
CA GLN A 62 27.42 2.19 -7.32
C GLN A 62 26.45 3.14 -8.01
N LYS A 63 25.24 2.68 -8.34
CA LYS A 63 24.31 3.53 -9.08
C LYS A 63 23.87 4.76 -8.28
N PHE A 64 24.00 4.74 -6.96
CA PHE A 64 23.54 5.86 -6.15
C PHE A 64 24.65 6.78 -5.67
N LYS A 65 25.91 6.44 -5.93
CA LYS A 65 27.01 7.24 -5.41
C LYS A 65 26.98 8.67 -5.96
N GLY A 66 26.53 8.83 -7.20
CA GLY A 66 26.66 10.14 -7.84
C GLY A 66 25.84 11.23 -7.18
N LYS A 67 24.59 10.94 -6.81
CA LYS A 67 23.67 11.96 -6.35
CA LYS A 67 23.67 11.97 -6.36
C LYS A 67 23.36 11.92 -4.86
N ALA A 68 23.83 10.91 -4.12
CA ALA A 68 23.50 10.79 -2.72
C ALA A 68 24.70 11.05 -1.82
N THR A 69 24.42 11.57 -0.64
CA THR A 69 25.43 11.73 0.41
C THR A 69 24.87 11.29 1.75
N LEU A 70 25.59 10.39 2.40
CA LEU A 70 25.21 9.87 3.71
C LEU A 70 26.10 10.51 4.78
N THR A 71 25.47 11.01 5.84
CA THR A 71 26.22 11.60 6.95
C THR A 71 25.62 11.12 8.26
N ALA A 72 26.31 11.42 9.35
CA ALA A 72 25.79 11.08 10.67
C ALA A 72 26.31 12.09 11.68
N ASP A 73 25.47 12.38 12.67
CA ASP A 73 25.82 13.23 13.81
C ASP A 73 25.84 12.33 15.05
N LYS A 74 27.05 12.05 15.54
CA LYS A 74 27.20 11.17 16.70
CA LYS A 74 27.23 11.19 16.71
C LYS A 74 26.56 11.77 17.95
N SER A 75 26.68 13.09 18.14
CA SER A 75 26.18 13.70 19.37
C SER A 75 24.67 13.51 19.52
N SER A 76 23.94 13.54 18.40
CA SER A 76 22.49 13.41 18.40
C SER A 76 22.00 12.05 17.91
N SER A 77 22.92 11.11 17.65
CA SER A 77 22.58 9.77 17.19
C SER A 77 21.64 9.82 15.98
N THR A 78 21.96 10.68 15.02
CA THR A 78 21.09 10.88 13.87
C THR A 78 21.85 10.62 12.58
N ALA A 79 21.25 9.83 11.69
CA ALA A 79 21.82 9.63 10.37
C ALA A 79 21.03 10.43 9.35
N TYR A 80 21.72 10.89 8.31
CA TYR A 80 21.09 11.69 7.27
C TYR A 80 21.41 11.13 5.90
N MET A 81 20.42 11.21 5.00
N MET A 81 20.44 11.26 5.01
CA MET A 81 20.59 10.85 3.60
CA MET A 81 20.58 10.86 3.61
C MET A 81 20.14 12.04 2.76
C MET A 81 20.13 12.03 2.74
N GLN A 82 21.07 12.58 1.98
CA GLN A 82 20.80 13.72 1.11
C GLN A 82 20.77 13.27 -0.34
N LEU A 83 19.68 13.59 -1.02
CA LEU A 83 19.47 13.29 -2.42
C LEU A 83 19.55 14.60 -3.20
N SER A 84 20.40 14.63 -4.22
N SER A 84 20.42 14.63 -4.21
CA SER A 84 20.60 15.82 -5.02
CA SER A 84 20.62 15.82 -5.03
C SER A 84 20.18 15.55 -6.47
C SER A 84 20.15 15.55 -6.45
N SER A 85 19.97 16.65 -7.20
CA SER A 85 19.56 16.60 -8.60
C SER A 85 18.40 15.64 -8.83
N LEU A 86 17.33 15.83 -8.05
CA LEU A 86 16.24 14.87 -8.01
C LEU A 86 15.59 14.67 -9.37
N ALA A 87 15.29 13.42 -9.67
CA ALA A 87 14.63 13.00 -10.89
C ALA A 87 13.46 12.10 -10.52
N SER A 88 12.58 11.82 -11.49
CA SER A 88 11.40 11.02 -11.19
C SER A 88 11.77 9.63 -10.67
N GLU A 89 12.87 9.06 -11.16
CA GLU A 89 13.33 7.77 -10.65
C GLU A 89 13.71 7.80 -9.18
N ASP A 90 13.85 8.98 -8.59
CA ASP A 90 14.15 9.09 -7.16
C ASP A 90 12.91 9.09 -6.29
N SER A 91 11.72 9.18 -6.89
CA SER A 91 10.49 9.07 -6.12
C SER A 91 10.39 7.68 -5.54
N ALA A 92 10.27 7.58 -4.22
CA ALA A 92 10.34 6.29 -3.54
C ALA A 92 10.15 6.48 -2.05
N VAL A 93 9.92 5.35 -1.35
CA VAL A 93 10.08 5.31 0.09
C VAL A 93 11.53 4.94 0.40
N TYR A 94 12.15 5.68 1.31
CA TYR A 94 13.49 5.39 1.78
C TYR A 94 13.40 5.01 3.25
N TYR A 95 13.82 3.80 3.59
CA TYR A 95 13.89 3.33 4.96
C TYR A 95 15.33 3.47 5.46
N CYS A 96 15.50 3.83 6.71
CA CYS A 96 16.77 3.56 7.37
C CYS A 96 16.64 2.27 8.19
N ALA A 97 17.77 1.61 8.38
CA ALA A 97 17.78 0.32 9.06
C ALA A 97 19.12 0.10 9.74
N ARG A 98 19.03 -0.43 10.97
CA ARG A 98 20.22 -0.77 11.73
C ARG A 98 20.67 -2.17 11.40
N SER A 99 21.99 -2.34 11.31
CA SER A 99 22.54 -3.69 11.36
C SER A 99 23.92 -3.60 11.96
N LEU A 100 24.43 -4.72 12.46
CA LEU A 100 25.87 -4.84 12.59
C LEU A 100 26.48 -4.61 11.21
N TYR A 101 27.71 -4.11 11.19
CA TYR A 101 28.36 -3.87 9.91
C TYR A 101 28.21 -5.09 9.00
N LEU A 102 27.72 -4.86 7.79
CA LEU A 102 27.52 -5.90 6.78
C LEU A 102 26.84 -7.13 7.40
N GLY A 103 25.57 -6.93 7.75
CA GLY A 103 24.84 -7.91 8.51
C GLY A 103 23.34 -7.78 8.30
N ALA A 104 22.59 -8.50 9.13
CA ALA A 104 21.14 -8.53 8.99
C ALA A 104 20.53 -7.27 9.60
N MET A 105 19.52 -6.73 8.91
CA MET A 105 18.87 -5.48 9.33
C MET A 105 17.77 -5.81 10.34
N ASP A 106 18.06 -5.62 11.64
CA ASP A 106 17.10 -6.06 12.66
C ASP A 106 16.07 -5.01 13.04
N TYR A 107 16.39 -3.72 12.96
CA TYR A 107 15.45 -2.66 13.31
C TYR A 107 15.36 -1.68 12.15
N TRP A 108 14.13 -1.30 11.80
CA TRP A 108 13.86 -0.46 10.65
C TRP A 108 13.09 0.79 11.08
N GLY A 109 13.36 1.90 10.39
CA GLY A 109 12.50 3.05 10.51
C GLY A 109 11.20 2.86 9.73
N GLN A 110 10.27 3.79 9.89
CA GLN A 110 8.97 3.67 9.27
C GLN A 110 8.96 4.12 7.81
N GLY A 111 10.08 4.66 7.32
CA GLY A 111 10.17 5.10 5.93
C GLY A 111 9.82 6.57 5.75
N THR A 112 10.49 7.20 4.79
CA THR A 112 10.17 8.55 4.36
C THR A 112 9.89 8.53 2.86
N SER A 113 8.73 9.03 2.46
CA SER A 113 8.37 9.08 1.05
C SER A 113 8.88 10.37 0.43
N VAL A 114 9.57 10.24 -0.69
CA VAL A 114 10.00 11.36 -1.51
C VAL A 114 9.24 11.30 -2.82
N THR A 115 8.58 12.41 -3.18
CA THR A 115 7.88 12.53 -4.45
C THR A 115 8.52 13.65 -5.24
N VAL A 116 8.95 13.34 -6.46
CA VAL A 116 9.64 14.29 -7.32
C VAL A 116 8.65 14.72 -8.40
N SER A 117 8.27 16.00 -8.40
CA SER A 117 7.25 16.48 -9.33
C SER A 117 7.31 18.00 -9.40
N SER A 118 7.00 18.53 -10.57
CA SER A 118 6.87 19.97 -10.78
C SER A 118 5.45 20.46 -10.56
N ALA A 119 4.51 19.54 -10.39
CA ALA A 119 3.11 19.93 -10.27
C ALA A 119 2.84 20.54 -8.90
N SER A 120 1.83 21.40 -8.87
CA SER A 120 1.41 22.05 -7.64
C SER A 120 0.57 21.12 -6.78
N THR A 121 0.57 21.37 -5.48
CA THR A 121 -0.29 20.62 -4.59
CA THR A 121 -0.28 20.62 -4.59
C THR A 121 -1.74 20.99 -4.82
N LYS A 122 -2.62 20.01 -4.64
CA LYS A 122 -4.05 20.24 -4.75
C LYS A 122 -4.76 19.37 -3.72
N GLY A 123 -5.62 20.00 -2.90
CA GLY A 123 -6.37 19.27 -1.91
C GLY A 123 -7.60 18.60 -2.49
N PRO A 124 -8.07 17.54 -1.86
CA PRO A 124 -9.23 16.79 -2.37
C PRO A 124 -10.55 17.47 -2.04
N SER A 125 -11.54 17.15 -2.85
CA SER A 125 -12.94 17.30 -2.47
C SER A 125 -13.38 16.00 -1.80
N VAL A 126 -14.22 16.09 -0.79
CA VAL A 126 -14.69 14.91 -0.08
C VAL A 126 -16.21 14.86 -0.15
N PHE A 127 -16.74 13.78 -0.71
CA PHE A 127 -18.18 13.62 -0.90
C PHE A 127 -18.70 12.38 -0.20
N PRO A 128 -19.87 12.45 0.43
CA PRO A 128 -20.41 11.28 1.10
C PRO A 128 -20.95 10.25 0.13
N LEU A 129 -20.83 8.98 0.50
CA LEU A 129 -21.49 7.85 -0.13
C LEU A 129 -22.50 7.34 0.91
N ALA A 130 -23.72 7.87 0.85
CA ALA A 130 -24.68 7.67 1.93
C ALA A 130 -25.23 6.26 1.93
N PRO A 131 -25.47 5.69 3.11
CA PRO A 131 -26.13 4.38 3.17
C PRO A 131 -27.60 4.49 2.81
N SER A 132 -28.12 3.43 2.22
CA SER A 132 -29.51 3.39 1.80
C SER A 132 -29.94 1.94 1.68
N SER A 133 -31.19 1.73 1.29
CA SER A 133 -31.68 0.38 1.02
C SER A 133 -30.84 -0.30 -0.05
N LYS A 134 -30.28 0.48 -0.98
CA LYS A 134 -29.45 -0.04 -2.06
C LYS A 134 -28.01 -0.34 -1.64
N SER A 135 -27.62 -0.02 -0.41
CA SER A 135 -26.33 -0.46 0.12
C SER A 135 -26.51 -1.41 1.30
N THR A 136 -27.70 -1.98 1.45
CA THR A 136 -28.04 -2.81 2.60
C THR A 136 -28.24 -4.26 2.16
N SER A 137 -27.65 -5.19 2.91
CA SER A 137 -27.87 -6.62 2.71
C SER A 137 -27.95 -7.27 4.07
N GLY A 138 -29.00 -8.06 4.27
CA GLY A 138 -29.25 -8.62 5.59
C GLY A 138 -29.40 -7.52 6.62
N GLY A 139 -28.51 -7.54 7.60
CA GLY A 139 -28.59 -6.59 8.69
C GLY A 139 -27.49 -5.56 8.66
N THR A 140 -26.82 -5.40 7.53
CA THR A 140 -25.72 -4.45 7.45
C THR A 140 -25.92 -3.50 6.27
N ALA A 141 -25.28 -2.33 6.38
CA ALA A 141 -25.36 -1.29 5.38
C ALA A 141 -23.95 -0.79 5.09
N ALA A 142 -23.68 -0.51 3.82
CA ALA A 142 -22.40 0.07 3.42
C ALA A 142 -22.53 1.58 3.22
N LEU A 143 -21.49 2.30 3.60
CA LEU A 143 -21.42 3.73 3.38
C LEU A 143 -19.96 4.08 3.13
N GLY A 144 -19.71 5.32 2.72
CA GLY A 144 -18.32 5.65 2.41
C GLY A 144 -18.10 7.12 2.15
N CYS A 145 -16.89 7.41 1.68
CA CYS A 145 -16.49 8.74 1.26
C CYS A 145 -15.68 8.63 -0.02
N LEU A 146 -15.99 9.52 -0.96
CA LEU A 146 -15.24 9.70 -2.19
C LEU A 146 -14.28 10.88 -2.00
N VAL A 147 -13.00 10.63 -2.17
CA VAL A 147 -11.95 11.61 -1.96
C VAL A 147 -11.35 11.89 -3.33
N LYS A 148 -11.75 12.99 -3.94
CA LYS A 148 -11.57 13.22 -5.37
C LYS A 148 -10.58 14.34 -5.65
N ASP A 149 -9.66 14.08 -6.60
CA ASP A 149 -8.87 15.08 -7.30
C ASP A 149 -7.86 15.79 -6.39
N TYR A 150 -6.87 15.05 -5.93
CA TYR A 150 -5.81 15.61 -5.11
C TYR A 150 -4.44 15.26 -5.69
N PHE A 151 -3.44 16.05 -5.29
CA PHE A 151 -2.05 15.74 -5.65
C PHE A 151 -1.12 16.37 -4.63
N PRO A 152 -0.03 15.68 -4.24
CA PRO A 152 0.33 14.30 -4.55
C PRO A 152 -0.32 13.34 -3.56
N GLU A 153 0.01 12.06 -3.69
CA GLU A 153 -0.32 11.13 -2.63
C GLU A 153 0.48 11.50 -1.38
N PRO A 154 0.01 11.10 -0.19
CA PRO A 154 -1.20 10.34 0.09
C PRO A 154 -2.27 11.17 0.77
N VAL A 155 -3.48 10.68 0.80
CA VAL A 155 -4.46 11.10 1.78
C VAL A 155 -4.50 10.00 2.82
N THR A 156 -4.76 10.36 4.07
CA THR A 156 -5.09 9.39 5.08
C THR A 156 -6.57 9.49 5.35
N VAL A 157 -7.24 8.35 5.47
CA VAL A 157 -8.67 8.32 5.77
C VAL A 157 -8.87 7.49 7.02
N SER A 158 -9.62 8.04 7.97
CA SER A 158 -10.08 7.26 9.11
C SER A 158 -11.58 7.41 9.23
N TRP A 159 -12.17 6.62 10.13
CA TRP A 159 -13.59 6.69 10.41
C TRP A 159 -13.79 6.93 11.90
N ASN A 160 -14.62 7.93 12.23
CA ASN A 160 -14.95 8.28 13.62
C ASN A 160 -13.66 8.45 14.44
N SER A 161 -12.74 9.21 13.85
CA SER A 161 -11.45 9.57 14.47
C SER A 161 -10.62 8.36 14.85
N GLY A 162 -10.71 7.28 14.06
CA GLY A 162 -9.98 6.07 14.31
C GLY A 162 -10.69 5.06 15.19
N ALA A 163 -11.83 5.41 15.78
CA ALA A 163 -12.56 4.47 16.61
C ALA A 163 -13.15 3.32 15.81
N LEU A 164 -13.46 3.57 14.54
CA LEU A 164 -14.14 2.60 13.69
C LEU A 164 -13.15 2.01 12.69
N THR A 165 -12.78 0.75 12.91
CA THR A 165 -11.83 0.06 12.04
C THR A 165 -12.37 -1.20 11.41
N SER A 166 -13.30 -1.91 12.06
CA SER A 166 -13.80 -3.14 11.49
C SER A 166 -14.68 -2.86 10.29
N GLY A 167 -14.51 -3.65 9.23
CA GLY A 167 -15.32 -3.54 8.04
C GLY A 167 -14.99 -2.36 7.14
N VAL A 168 -13.84 -1.71 7.36
CA VAL A 168 -13.38 -0.59 6.55
C VAL A 168 -12.55 -1.12 5.38
N HIS A 169 -12.81 -0.60 4.19
CA HIS A 169 -11.94 -0.80 3.03
C HIS A 169 -11.62 0.57 2.45
N THR A 170 -10.37 0.98 2.54
CA THR A 170 -9.91 2.19 1.89
C THR A 170 -9.12 1.76 0.66
N PHE A 171 -9.60 2.13 -0.51
CA PHE A 171 -9.06 1.59 -1.73
C PHE A 171 -7.78 2.32 -2.14
N PRO A 172 -6.91 1.64 -2.89
CA PRO A 172 -5.75 2.32 -3.48
C PRO A 172 -6.17 3.51 -4.32
N ALA A 173 -5.41 4.59 -4.22
CA ALA A 173 -5.67 5.74 -5.07
C ALA A 173 -5.45 5.34 -6.52
N VAL A 174 -6.18 6.01 -7.41
CA VAL A 174 -6.01 5.81 -8.84
CA VAL A 174 -6.02 5.81 -8.85
C VAL A 174 -5.55 7.13 -9.45
N LEU A 175 -4.53 7.05 -10.29
CA LEU A 175 -4.03 8.21 -10.99
C LEU A 175 -4.89 8.45 -12.23
N GLN A 176 -5.52 9.62 -12.28
CA GLN A 176 -6.38 9.97 -13.39
C GLN A 176 -5.56 10.63 -14.50
N SER A 177 -6.14 10.69 -15.71
CA SER A 177 -5.42 11.29 -16.83
C SER A 177 -5.12 12.77 -16.60
N SER A 178 -5.93 13.42 -15.77
CA SER A 178 -5.67 14.79 -15.36
C SER A 178 -4.36 14.96 -14.62
N GLY A 179 -3.79 13.87 -14.08
CA GLY A 179 -2.64 13.93 -13.21
C GLY A 179 -2.98 14.01 -11.74
N LEU A 180 -4.25 14.01 -11.40
CA LEU A 180 -4.72 14.03 -10.02
C LEU A 180 -5.15 12.63 -9.59
N TYR A 181 -5.20 12.43 -8.27
CA TYR A 181 -5.58 11.15 -7.69
C TYR A 181 -6.98 11.20 -7.12
N SER A 182 -7.65 10.05 -7.11
N SER A 182 -7.61 10.03 -7.04
CA SER A 182 -8.90 9.90 -6.38
CA SER A 182 -8.90 9.87 -6.41
C SER A 182 -8.89 8.54 -5.68
C SER A 182 -8.97 8.51 -5.73
N LEU A 183 -9.64 8.45 -4.58
CA LEU A 183 -9.91 7.17 -3.97
C LEU A 183 -11.23 7.22 -3.23
N SER A 184 -11.68 6.06 -2.80
CA SER A 184 -12.86 5.97 -1.98
CA SER A 184 -12.87 5.93 -2.00
C SER A 184 -12.53 5.10 -0.77
N SER A 185 -13.23 5.38 0.33
CA SER A 185 -13.16 4.57 1.54
C SER A 185 -14.57 4.17 1.90
N VAL A 186 -14.79 2.89 2.21
CA VAL A 186 -16.12 2.41 2.57
C VAL A 186 -16.05 1.65 3.88
N VAL A 187 -17.19 1.57 4.56
CA VAL A 187 -17.29 0.78 5.77
C VAL A 187 -18.68 0.17 5.82
N THR A 188 -18.76 -1.05 6.33
CA THR A 188 -20.01 -1.77 6.51
C THR A 188 -20.34 -1.79 8.00
N VAL A 189 -21.58 -1.39 8.34
CA VAL A 189 -21.99 -1.19 9.73
C VAL A 189 -23.36 -1.83 9.90
N PRO A 190 -23.80 -2.04 11.15
CA PRO A 190 -25.15 -2.57 11.35
C PRO A 190 -26.21 -1.56 10.91
N SER A 191 -27.19 -2.01 10.14
CA SER A 191 -28.29 -1.14 9.76
CA SER A 191 -28.27 -1.11 9.76
C SER A 191 -28.97 -0.55 10.98
N SER A 192 -29.00 -1.30 12.08
CA SER A 192 -29.60 -0.86 13.33
C SER A 192 -28.90 0.35 13.94
N SER A 193 -27.71 0.70 13.50
CA SER A 193 -26.97 1.80 14.08
CA SER A 193 -26.94 1.80 14.06
C SER A 193 -27.15 3.12 13.34
N LEU A 194 -27.71 3.09 12.13
CA LEU A 194 -27.72 4.28 11.28
C LEU A 194 -28.44 5.47 11.93
N GLY A 195 -29.45 5.22 12.75
CA GLY A 195 -30.18 6.33 13.33
C GLY A 195 -29.62 6.91 14.60
N THR A 196 -28.68 6.23 15.24
CA THR A 196 -28.16 6.67 16.53
C THR A 196 -26.67 6.92 16.54
N GLN A 197 -25.90 6.25 15.70
CA GLN A 197 -24.46 6.44 15.58
C GLN A 197 -24.17 7.35 14.41
N THR A 198 -23.33 8.37 14.62
CA THR A 198 -22.90 9.23 13.52
C THR A 198 -21.65 8.64 12.89
N TYR A 199 -21.56 8.75 11.57
CA TYR A 199 -20.41 8.22 10.83
C TYR A 199 -19.73 9.36 10.09
N ILE A 200 -18.46 9.57 10.39
CA ILE A 200 -17.69 10.68 9.88
C ILE A 200 -16.40 10.14 9.30
N CYS A 201 -16.11 10.49 8.07
CA CYS A 201 -14.83 10.14 7.49
C CYS A 201 -13.88 11.31 7.70
N ASN A 202 -12.71 11.02 8.25
CA ASN A 202 -11.70 12.02 8.56
C ASN A 202 -10.62 11.91 7.48
N VAL A 203 -10.50 12.95 6.66
CA VAL A 203 -9.60 12.95 5.52
C VAL A 203 -8.51 13.97 5.77
N ASN A 204 -7.26 13.52 5.68
CA ASN A 204 -6.09 14.35 5.88
CA ASN A 204 -6.10 14.38 5.86
C ASN A 204 -5.26 14.35 4.60
N HIS A 205 -4.95 15.53 4.05
CA HIS A 205 -4.07 15.64 2.90
C HIS A 205 -2.99 16.64 3.33
N LYS A 206 -1.90 16.11 3.88
CA LYS A 206 -0.85 16.95 4.42
C LYS A 206 -0.27 17.93 3.39
N PRO A 207 0.06 17.53 2.15
CA PRO A 207 0.74 18.49 1.25
C PRO A 207 -0.02 19.78 1.02
N SER A 208 -1.36 19.75 1.04
CA SER A 208 -2.17 20.95 0.86
C SER A 208 -2.76 21.47 2.16
N ASN A 209 -2.44 20.84 3.30
CA ASN A 209 -3.03 21.19 4.59
C ASN A 209 -4.55 21.14 4.54
N THR A 210 -5.09 20.14 3.85
CA THR A 210 -6.54 19.96 3.77
C THR A 210 -6.98 18.93 4.82
N LYS A 211 -7.89 19.33 5.70
CA LYS A 211 -8.43 18.43 6.70
C LYS A 211 -9.94 18.54 6.67
N VAL A 212 -10.62 17.43 6.35
CA VAL A 212 -12.07 17.41 6.27
C VAL A 212 -12.62 16.30 7.16
N ASP A 213 -13.65 16.62 7.95
CA ASP A 213 -14.41 15.61 8.69
C ASP A 213 -15.83 15.63 8.12
N LYS A 214 -16.14 14.65 7.26
CA LYS A 214 -17.37 14.64 6.47
C LYS A 214 -18.37 13.69 7.14
N LYS A 215 -19.45 14.26 7.66
CA LYS A 215 -20.54 13.45 8.19
C LYS A 215 -21.30 12.81 7.03
N VAL A 216 -21.53 11.51 7.14
CA VAL A 216 -22.24 10.76 6.11
C VAL A 216 -23.63 10.47 6.66
N GLU A 217 -24.65 11.12 6.08
CA GLU A 217 -26.03 11.10 6.56
C GLU A 217 -26.79 9.94 5.92
N PRO A 218 -27.51 9.14 6.70
CA PRO A 218 -28.25 8.02 6.12
C PRO A 218 -29.48 8.51 5.38
N LYS A 219 -29.81 7.81 4.31
CA LYS A 219 -31.02 8.07 3.54
C LYS A 219 -32.16 7.18 4.04
N SER A 220 -33.35 7.75 4.11
CA SER A 220 -34.53 7.00 4.52
C SER A 220 -35.11 6.23 3.34
N ASP B 1 28.81 -6.92 -8.09
CA ASP B 1 27.97 -7.18 -6.93
C ASP B 1 27.28 -8.52 -7.07
N ILE B 2 26.91 -9.13 -5.94
CA ILE B 2 26.32 -10.47 -5.93
C ILE B 2 24.82 -10.35 -6.24
N VAL B 3 24.36 -11.13 -7.21
CA VAL B 3 22.95 -11.12 -7.59
C VAL B 3 22.22 -12.20 -6.81
N MET B 4 21.11 -11.83 -6.19
CA MET B 4 20.26 -12.78 -5.46
C MET B 4 18.98 -12.97 -6.26
N THR B 5 18.75 -14.19 -6.74
CA THR B 5 17.63 -14.45 -7.64
C THR B 5 16.54 -15.19 -6.89
N GLN B 6 15.35 -14.58 -6.84
CA GLN B 6 14.13 -15.24 -6.40
C GLN B 6 13.32 -15.47 -7.67
N SER B 7 13.35 -16.69 -8.18
CA SER B 7 12.82 -16.93 -9.52
C SER B 7 11.30 -16.85 -9.58
N HIS B 8 10.60 -16.89 -8.43
CA HIS B 8 9.14 -16.82 -8.41
C HIS B 8 8.73 -15.47 -7.82
N LYS B 9 8.12 -14.62 -8.65
CA LYS B 9 7.57 -13.36 -8.16
C LYS B 9 6.30 -13.57 -7.35
N PHE B 10 5.61 -14.69 -7.52
CA PHE B 10 4.36 -14.95 -6.85
C PHE B 10 4.31 -16.41 -6.42
N MET B 11 3.63 -16.66 -5.31
N MET B 11 3.58 -16.67 -5.33
CA MET B 11 3.45 -18.02 -4.83
CA MET B 11 3.45 -18.02 -4.80
C MET B 11 2.09 -18.09 -4.13
C MET B 11 2.12 -18.12 -4.07
N SER B 12 1.31 -19.13 -4.41
CA SER B 12 -0.01 -19.29 -3.84
C SER B 12 -0.07 -20.52 -2.95
N THR B 13 -0.81 -20.41 -1.84
CA THR B 13 -0.85 -21.44 -0.82
C THR B 13 -2.12 -21.27 0.02
N SER B 14 -2.64 -22.37 0.55
CA SER B 14 -3.81 -22.31 1.43
C SER B 14 -3.40 -22.19 2.88
N VAL B 15 -4.30 -21.62 3.68
CA VAL B 15 -4.12 -21.65 5.13
C VAL B 15 -3.97 -23.08 5.59
N GLY B 16 -2.92 -23.35 6.34
CA GLY B 16 -2.64 -24.69 6.81
C GLY B 16 -1.63 -25.46 5.99
N ASP B 17 -1.29 -24.99 4.78
CA ASP B 17 -0.31 -25.65 3.94
C ASP B 17 1.11 -25.25 4.32
N ARG B 18 2.05 -26.08 3.88
CA ARG B 18 3.48 -25.76 3.91
CA ARG B 18 3.47 -25.75 3.91
C ARG B 18 3.87 -25.11 2.58
N VAL B 19 4.66 -24.04 2.64
CA VAL B 19 5.15 -23.37 1.43
C VAL B 19 6.64 -23.08 1.58
N SER B 20 7.37 -23.18 0.46
CA SER B 20 8.80 -22.87 0.44
C SER B 20 9.12 -21.89 -0.70
N ILE B 21 9.96 -20.91 -0.39
CA ILE B 21 10.36 -19.86 -1.33
C ILE B 21 11.87 -19.96 -1.53
N THR B 22 12.31 -19.96 -2.79
CA THR B 22 13.72 -20.17 -3.08
C THR B 22 14.46 -18.87 -3.40
N CYS B 23 15.76 -18.87 -3.12
CA CYS B 23 16.63 -17.72 -3.38
C CYS B 23 18.01 -18.25 -3.73
N LYS B 24 18.55 -17.84 -4.87
CA LYS B 24 19.83 -18.35 -5.36
C LYS B 24 20.82 -17.20 -5.49
N ALA B 25 22.00 -17.39 -4.92
CA ALA B 25 23.05 -16.38 -5.00
C ALA B 25 23.94 -16.68 -6.21
N SER B 26 24.42 -15.61 -6.85
CA SER B 26 25.26 -15.73 -8.04
C SER B 26 26.67 -16.22 -7.72
N GLN B 27 27.11 -16.14 -6.47
CA GLN B 27 28.34 -16.77 -6.03
C GLN B 27 28.11 -17.25 -4.60
N ASP B 28 29.04 -18.07 -4.12
CA ASP B 28 28.92 -18.60 -2.76
C ASP B 28 28.92 -17.46 -1.75
N VAL B 29 27.91 -17.44 -0.89
CA VAL B 29 27.81 -16.46 0.18
C VAL B 29 27.84 -17.12 1.56
N THR B 30 28.24 -18.40 1.63
CA THR B 30 28.22 -19.23 2.84
C THR B 30 26.85 -19.15 3.49
N ASN B 31 26.77 -18.72 4.75
CA ASN B 31 25.50 -18.61 5.47
C ASN B 31 25.05 -17.17 5.66
N ASP B 32 25.61 -16.22 4.90
CA ASP B 32 25.38 -14.81 5.19
C ASP B 32 24.16 -14.30 4.43
N VAL B 33 23.01 -14.90 4.74
CA VAL B 33 21.73 -14.58 4.12
C VAL B 33 20.69 -14.27 5.19
N ALA B 34 19.89 -13.24 4.94
CA ALA B 34 18.78 -12.89 5.80
C ALA B 34 17.50 -12.93 4.98
N TRP B 35 16.38 -13.18 5.67
CA TRP B 35 15.04 -13.16 5.06
C TRP B 35 14.16 -12.17 5.79
N TYR B 36 13.45 -11.34 4.99
CA TYR B 36 12.55 -10.29 5.45
C TYR B 36 11.14 -10.52 4.93
N GLN B 37 10.17 -10.07 5.72
CA GLN B 37 8.76 -10.11 5.39
C GLN B 37 8.26 -8.68 5.34
N GLN B 38 7.60 -8.29 4.25
CA GLN B 38 7.02 -6.96 4.15
C GLN B 38 5.55 -7.05 3.77
N LYS B 39 4.72 -6.55 4.65
CA LYS B 39 3.28 -6.44 4.47
C LYS B 39 2.91 -5.04 4.00
N PRO B 40 1.76 -4.89 3.33
CA PRO B 40 1.45 -3.60 2.70
C PRO B 40 1.43 -2.45 3.70
N GLY B 41 2.08 -1.35 3.31
CA GLY B 41 2.14 -0.18 4.16
C GLY B 41 3.08 -0.28 5.34
N GLN B 42 3.85 -1.35 5.45
CA GLN B 42 4.73 -1.57 6.58
C GLN B 42 6.18 -1.65 6.14
N SER B 43 7.07 -1.40 7.09
CA SER B 43 8.48 -1.63 6.86
C SER B 43 8.78 -3.12 6.83
N PRO B 44 9.81 -3.53 6.11
CA PRO B 44 10.25 -4.94 6.18
C PRO B 44 10.57 -5.33 7.62
N LYS B 45 10.36 -6.61 7.92
CA LYS B 45 10.66 -7.19 9.21
C LYS B 45 11.63 -8.35 9.04
N LEU B 46 12.67 -8.40 9.86
CA LEU B 46 13.62 -9.50 9.84
C LEU B 46 12.99 -10.77 10.41
N LEU B 47 13.02 -11.85 9.64
CA LEU B 47 12.51 -13.14 10.13
C LEU B 47 13.62 -14.15 10.35
N ILE B 48 14.56 -14.27 9.40
CA ILE B 48 15.62 -15.27 9.48
C ILE B 48 16.96 -14.56 9.29
N TYR B 49 17.94 -14.93 10.10
CA TYR B 49 19.31 -14.42 9.91
C TYR B 49 20.28 -15.60 9.85
N SER B 50 21.47 -15.32 9.28
CA SER B 50 22.52 -16.33 9.08
CA SER B 50 22.51 -16.34 9.10
C SER B 50 21.96 -17.61 8.45
N ALA B 51 21.10 -17.42 7.43
CA ALA B 51 20.50 -18.48 6.61
C ALA B 51 19.48 -19.36 7.34
N SER B 52 19.69 -19.69 8.62
CA SER B 52 18.83 -20.71 9.22
C SER B 52 18.43 -20.44 10.67
N TYR B 53 18.68 -19.25 11.20
CA TYR B 53 18.33 -18.94 12.58
C TYR B 53 17.10 -18.04 12.62
N ARG B 54 16.13 -18.40 13.45
CA ARG B 54 14.95 -17.55 13.63
C ARG B 54 15.32 -16.34 14.45
N TYR B 55 14.96 -15.17 13.94
CA TYR B 55 15.22 -13.94 14.67
C TYR B 55 14.32 -13.86 15.90
N THR B 56 14.74 -13.03 16.86
CA THR B 56 14.03 -12.84 18.12
C THR B 56 12.55 -12.55 17.90
N GLY B 57 11.71 -13.34 18.57
CA GLY B 57 10.27 -13.13 18.55
C GLY B 57 9.55 -13.63 17.33
N VAL B 58 10.25 -14.32 16.43
CA VAL B 58 9.66 -14.77 15.17
C VAL B 58 8.90 -16.08 15.43
N PRO B 59 7.67 -16.20 14.96
CA PRO B 59 6.88 -17.42 15.21
C PRO B 59 7.57 -18.68 14.70
N ASP B 60 7.26 -19.81 15.34
CA ASP B 60 7.93 -21.08 15.04
CA ASP B 60 7.93 -21.07 15.03
C ASP B 60 7.65 -21.59 13.63
N ARG B 61 6.55 -21.15 13.00
CA ARG B 61 6.26 -21.68 11.67
C ARG B 61 7.24 -21.18 10.60
N PHE B 62 8.07 -20.19 10.91
CA PHE B 62 9.01 -19.65 9.93
C PHE B 62 10.38 -20.28 10.14
N THR B 63 10.95 -20.83 9.07
CA THR B 63 12.32 -21.33 9.12
C THR B 63 13.05 -20.97 7.84
N GLY B 64 14.37 -21.09 7.90
CA GLY B 64 15.19 -20.99 6.70
C GLY B 64 16.26 -22.07 6.69
N SER B 65 16.71 -22.39 5.48
CA SER B 65 17.73 -23.41 5.29
C SER B 65 18.63 -23.04 4.12
N GLY B 66 19.79 -23.68 4.06
CA GLY B 66 20.69 -23.49 2.94
C GLY B 66 22.03 -22.89 3.30
N SER B 67 23.01 -23.11 2.42
CA SER B 67 24.36 -22.58 2.64
CA SER B 67 24.36 -22.60 2.63
C SER B 67 25.15 -22.69 1.34
N GLY B 68 25.77 -21.60 0.91
CA GLY B 68 26.49 -21.60 -0.34
C GLY B 68 25.76 -20.73 -1.34
N THR B 69 24.98 -21.33 -2.22
CA THR B 69 24.23 -20.57 -3.23
C THR B 69 22.72 -20.75 -3.16
N ASP B 70 22.20 -21.86 -2.64
CA ASP B 70 20.77 -22.17 -2.69
C ASP B 70 20.16 -22.06 -1.29
N PHE B 71 19.19 -21.16 -1.15
CA PHE B 71 18.56 -20.86 0.13
C PHE B 71 17.05 -21.04 0.01
N ILE B 72 16.45 -21.47 1.11
CA ILE B 72 15.02 -21.74 1.13
C ILE B 72 14.42 -21.14 2.40
N PHE B 73 13.33 -20.40 2.24
CA PHE B 73 12.51 -19.90 3.34
C PHE B 73 11.21 -20.71 3.38
N THR B 74 10.82 -21.17 4.56
CA THR B 74 9.68 -22.09 4.64
C THR B 74 8.70 -21.65 5.71
N ILE B 75 7.41 -21.71 5.37
CA ILE B 75 6.33 -21.58 6.35
C ILE B 75 5.70 -22.96 6.48
N SER B 76 5.76 -23.52 7.70
CA SER B 76 5.37 -24.91 7.92
C SER B 76 3.85 -25.10 7.92
N SER B 77 3.12 -24.07 8.35
CA SER B 77 1.65 -24.09 8.32
C SER B 77 1.21 -22.64 8.16
N VAL B 78 0.90 -22.26 6.91
CA VAL B 78 0.57 -20.88 6.59
C VAL B 78 -0.66 -20.42 7.38
N GLN B 79 -0.58 -19.21 7.91
CA GLN B 79 -1.72 -18.55 8.55
C GLN B 79 -2.20 -17.42 7.66
N ALA B 80 -3.47 -17.04 7.83
CA ALA B 80 -4.09 -16.13 6.86
C ALA B 80 -3.36 -14.80 6.78
N GLU B 81 -2.74 -14.36 7.89
CA GLU B 81 -2.04 -13.09 7.97
C GLU B 81 -0.64 -13.13 7.39
N ASP B 82 -0.23 -14.25 6.81
CA ASP B 82 1.14 -14.41 6.31
C ASP B 82 1.29 -13.90 4.88
N LEU B 83 0.22 -13.43 4.26
CA LEU B 83 0.37 -12.78 2.96
C LEU B 83 1.29 -11.57 3.12
N ALA B 84 2.27 -11.48 2.23
CA ALA B 84 3.34 -10.52 2.35
C ALA B 84 4.27 -10.76 1.17
N VAL B 85 5.21 -9.85 0.98
CA VAL B 85 6.32 -10.11 0.07
C VAL B 85 7.53 -10.51 0.90
N TYR B 86 8.18 -11.60 0.52
CA TYR B 86 9.32 -12.14 1.24
C TYR B 86 10.58 -11.91 0.41
N TYR B 87 11.63 -11.36 1.06
CA TYR B 87 12.86 -10.99 0.37
C TYR B 87 14.03 -11.68 1.02
N CYS B 88 14.94 -12.23 0.22
CA CYS B 88 16.25 -12.63 0.71
C CYS B 88 17.27 -11.51 0.49
N GLN B 89 18.36 -11.57 1.26
CA GLN B 89 19.42 -10.58 1.20
C GLN B 89 20.74 -11.24 1.54
N GLN B 90 21.80 -10.90 0.82
CA GLN B 90 23.14 -11.37 1.21
C GLN B 90 23.97 -10.23 1.81
N HIS B 91 24.83 -10.59 2.77
CA HIS B 91 25.81 -9.67 3.33
C HIS B 91 27.17 -10.33 3.47
N TYR B 92 27.48 -11.26 2.56
CA TYR B 92 28.81 -11.84 2.49
C TYR B 92 29.81 -10.84 1.96
N SER B 93 29.40 -10.06 0.96
CA SER B 93 30.28 -9.11 0.29
CA SER B 93 30.29 -9.10 0.33
C SER B 93 29.54 -7.79 0.14
N ALA B 94 30.29 -6.69 0.23
CA ALA B 94 29.68 -5.39 0.07
C ALA B 94 29.60 -5.03 -1.42
N PRO B 95 28.51 -4.38 -1.85
CA PRO B 95 27.36 -3.97 -1.04
C PRO B 95 26.39 -5.13 -0.83
N PRO B 96 25.66 -5.11 0.29
CA PRO B 96 24.54 -6.04 0.43
C PRO B 96 23.60 -5.92 -0.77
N THR B 97 22.96 -7.02 -1.11
CA THR B 97 22.00 -7.04 -2.22
C THR B 97 20.79 -7.85 -1.81
N PHE B 98 19.64 -7.45 -2.35
CA PHE B 98 18.35 -8.11 -2.10
C PHE B 98 17.96 -8.94 -3.31
N GLY B 99 17.27 -10.04 -3.04
CA GLY B 99 16.49 -10.69 -4.07
C GLY B 99 15.32 -9.83 -4.49
N GLY B 100 14.69 -10.24 -5.57
CA GLY B 100 13.60 -9.46 -6.15
C GLY B 100 12.26 -9.59 -5.45
N GLY B 101 12.16 -10.51 -4.51
CA GLY B 101 10.95 -10.65 -3.73
C GLY B 101 10.00 -11.70 -4.31
N THR B 102 9.26 -12.33 -3.40
CA THR B 102 8.22 -13.29 -3.75
C THR B 102 6.98 -12.93 -2.96
N LYS B 103 5.90 -12.62 -3.67
CA LYS B 103 4.63 -12.26 -3.05
C LYS B 103 3.84 -13.53 -2.76
N LEU B 104 3.54 -13.76 -1.48
CA LEU B 104 2.77 -14.92 -1.07
C LEU B 104 1.30 -14.54 -1.05
N GLU B 105 0.50 -15.24 -1.84
CA GLU B 105 -0.94 -15.06 -1.91
C GLU B 105 -1.64 -16.30 -1.35
N ILE B 106 -2.83 -16.09 -0.82
CA ILE B 106 -3.58 -17.13 -0.12
C ILE B 106 -4.70 -17.62 -1.03
N LYS B 107 -4.75 -18.92 -1.26
CA LYS B 107 -5.86 -19.55 -1.97
CA LYS B 107 -5.86 -19.54 -1.96
C LYS B 107 -7.02 -19.82 -1.01
N ARG B 108 -8.23 -19.76 -1.56
CA ARG B 108 -9.44 -20.12 -0.82
C ARG B 108 -10.52 -20.44 -1.84
N THR B 109 -11.70 -20.77 -1.36
CA THR B 109 -12.78 -21.11 -2.28
C THR B 109 -13.47 -19.86 -2.82
N VAL B 110 -14.27 -20.08 -3.86
CA VAL B 110 -14.91 -18.97 -4.56
C VAL B 110 -15.92 -18.31 -3.63
N ALA B 111 -15.92 -16.98 -3.62
CA ALA B 111 -16.86 -16.17 -2.86
C ALA B 111 -17.39 -15.08 -3.78
N ALA B 112 -18.72 -15.03 -3.94
CA ALA B 112 -19.29 -14.04 -4.84
C ALA B 112 -19.27 -12.65 -4.18
N PRO B 113 -19.15 -11.59 -4.97
CA PRO B 113 -19.15 -10.25 -4.41
C PRO B 113 -20.56 -9.85 -3.98
N SER B 114 -20.62 -9.08 -2.90
CA SER B 114 -21.83 -8.32 -2.60
C SER B 114 -21.71 -6.98 -3.32
N VAL B 115 -22.75 -6.58 -4.05
CA VAL B 115 -22.66 -5.45 -4.96
C VAL B 115 -23.60 -4.35 -4.48
N PHE B 116 -23.08 -3.11 -4.39
CA PHE B 116 -23.85 -1.96 -3.94
C PHE B 116 -23.55 -0.76 -4.82
N ILE B 117 -24.55 0.10 -5.03
CA ILE B 117 -24.36 1.25 -5.89
C ILE B 117 -24.74 2.53 -5.14
N PHE B 118 -24.02 3.60 -5.44
CA PHE B 118 -24.16 4.88 -4.76
C PHE B 118 -24.33 5.96 -5.81
N PRO B 119 -25.47 6.65 -5.84
CA PRO B 119 -25.65 7.80 -6.75
C PRO B 119 -24.72 8.95 -6.37
N PRO B 120 -24.57 9.94 -7.26
CA PRO B 120 -23.84 11.15 -6.87
C PRO B 120 -24.48 11.81 -5.65
N SER B 121 -23.62 12.37 -4.80
CA SER B 121 -24.07 13.17 -3.68
C SER B 121 -24.57 14.52 -4.13
N ASP B 122 -25.43 15.12 -3.31
CA ASP B 122 -25.89 16.49 -3.57
C ASP B 122 -24.72 17.48 -3.59
N GLU B 123 -23.74 17.25 -2.69
CA GLU B 123 -22.58 18.13 -2.65
C GLU B 123 -21.83 18.12 -3.97
N GLN B 124 -21.63 16.94 -4.55
CA GLN B 124 -20.89 16.89 -5.80
C GLN B 124 -21.72 17.46 -6.95
N LEU B 125 -23.01 17.15 -6.99
CA LEU B 125 -23.86 17.67 -8.06
C LEU B 125 -23.82 19.19 -8.09
N LYS B 126 -23.72 19.82 -6.92
CA LYS B 126 -23.54 21.28 -6.89
C LYS B 126 -22.38 21.77 -7.77
N SER B 127 -21.30 21.00 -7.88
CA SER B 127 -20.06 21.52 -8.48
C SER B 127 -19.90 21.15 -9.95
N GLY B 128 -20.90 20.54 -10.58
CA GLY B 128 -20.85 20.30 -12.01
C GLY B 128 -20.46 18.91 -12.44
N THR B 129 -20.27 18.00 -11.50
CA THR B 129 -19.80 16.66 -11.78
CA THR B 129 -19.85 16.66 -11.85
C THR B 129 -20.72 15.67 -11.09
N ALA B 130 -20.75 14.46 -11.62
CA ALA B 130 -21.58 13.41 -11.06
C ALA B 130 -20.73 12.16 -11.11
N SER B 131 -20.35 11.64 -9.95
CA SER B 131 -19.64 10.37 -9.87
C SER B 131 -20.58 9.35 -9.26
N VAL B 132 -20.64 8.17 -9.88
CA VAL B 132 -21.43 7.04 -9.41
C VAL B 132 -20.45 5.98 -8.97
N VAL B 133 -20.70 5.38 -7.81
CA VAL B 133 -19.76 4.40 -7.28
C VAL B 133 -20.43 3.04 -7.16
N CYS B 134 -19.78 2.01 -7.65
CA CYS B 134 -20.21 0.63 -7.50
C CYS B 134 -19.18 -0.11 -6.65
N LEU B 135 -19.66 -0.73 -5.57
CA LEU B 135 -18.81 -1.42 -4.61
C LEU B 135 -19.04 -2.91 -4.74
N LEU B 136 -17.95 -3.67 -4.87
CA LEU B 136 -17.98 -5.12 -4.88
C LEU B 136 -17.21 -5.55 -3.63
N ASN B 137 -17.91 -6.15 -2.68
CA ASN B 137 -17.37 -6.39 -1.35
C ASN B 137 -17.12 -7.88 -1.15
N ASN B 138 -15.88 -8.19 -0.76
CA ASN B 138 -15.49 -9.45 -0.10
C ASN B 138 -15.71 -10.66 -0.99
N PHE B 139 -14.99 -10.69 -2.11
CA PHE B 139 -15.10 -11.73 -3.12
C PHE B 139 -13.74 -12.40 -3.35
N TYR B 140 -13.80 -13.56 -4.02
CA TYR B 140 -12.60 -14.33 -4.36
C TYR B 140 -13.01 -15.25 -5.49
N PRO B 141 -12.23 -15.38 -6.56
CA PRO B 141 -10.91 -14.78 -6.82
C PRO B 141 -11.00 -13.30 -7.20
N ARG B 142 -9.85 -12.70 -7.49
CA ARG B 142 -9.74 -11.27 -7.76
C ARG B 142 -10.47 -10.83 -9.03
N GLU B 143 -10.66 -11.74 -9.99
CA GLU B 143 -11.11 -11.35 -11.33
C GLU B 143 -12.63 -11.11 -11.36
N ALA B 144 -13.03 -10.00 -10.78
CA ALA B 144 -14.39 -9.49 -10.96
C ALA B 144 -14.35 -8.42 -12.03
N LYS B 145 -15.41 -8.35 -12.86
CA LYS B 145 -15.46 -7.41 -13.97
C LYS B 145 -16.72 -6.58 -13.88
N VAL B 146 -16.57 -5.26 -14.04
CA VAL B 146 -17.64 -4.29 -13.90
C VAL B 146 -17.85 -3.62 -15.25
N GLN B 147 -19.10 -3.57 -15.69
CA GLN B 147 -19.47 -2.73 -16.82
C GLN B 147 -20.57 -1.77 -16.37
N TRP B 148 -20.55 -0.57 -16.92
CA TRP B 148 -21.53 0.44 -16.60
C TRP B 148 -22.53 0.61 -17.74
N LYS B 149 -23.79 0.75 -17.39
CA LYS B 149 -24.80 1.06 -18.39
C LYS B 149 -25.62 2.27 -17.94
N VAL B 150 -25.83 3.19 -18.86
CA VAL B 150 -26.63 4.39 -18.63
C VAL B 150 -27.76 4.39 -19.64
N ASP B 151 -29.00 4.34 -19.16
CA ASP B 151 -30.16 4.10 -20.01
C ASP B 151 -29.90 2.92 -20.95
N ASN B 152 -29.36 1.85 -20.37
CA ASN B 152 -29.06 0.59 -21.06
CA ASN B 152 -29.06 0.59 -21.06
C ASN B 152 -27.99 0.73 -22.14
N ALA B 153 -27.18 1.78 -22.07
CA ALA B 153 -26.09 1.98 -23.03
C ALA B 153 -24.75 1.71 -22.36
N LEU B 154 -24.04 0.71 -22.86
CA LEU B 154 -22.73 0.35 -22.32
C LEU B 154 -21.76 1.52 -22.38
N GLN B 155 -21.19 1.87 -21.24
CA GLN B 155 -20.25 2.97 -21.15
C GLN B 155 -18.83 2.52 -21.45
N SER B 156 -18.02 3.47 -21.90
CA SER B 156 -16.61 3.21 -22.17
CA SER B 156 -16.61 3.21 -22.17
C SER B 156 -15.80 4.48 -21.93
N GLY B 157 -14.60 4.32 -21.37
CA GLY B 157 -13.68 5.42 -21.21
C GLY B 157 -14.01 6.44 -20.14
N ASN B 158 -14.99 6.17 -19.28
CA ASN B 158 -15.34 7.12 -18.23
C ASN B 158 -15.45 6.45 -16.86
N SER B 159 -14.80 5.30 -16.67
CA SER B 159 -14.82 4.64 -15.39
C SER B 159 -13.42 4.19 -15.01
N GLN B 160 -13.19 4.09 -13.70
N GLN B 160 -13.19 4.09 -13.70
CA GLN B 160 -11.91 3.60 -13.18
CA GLN B 160 -11.93 3.58 -13.19
C GLN B 160 -12.16 2.67 -12.01
C GLN B 160 -12.20 2.61 -12.06
N GLU B 161 -11.29 1.66 -11.87
CA GLU B 161 -11.41 0.60 -10.87
C GLU B 161 -10.23 0.65 -9.91
N SER B 162 -10.49 0.29 -8.65
CA SER B 162 -9.42 0.05 -7.68
C SER B 162 -9.76 -1.19 -6.86
N VAL B 163 -8.75 -1.98 -6.50
CA VAL B 163 -8.95 -3.25 -5.79
CA VAL B 163 -8.96 -3.23 -5.77
C VAL B 163 -8.09 -3.24 -4.53
N THR B 164 -8.65 -3.74 -3.42
CA THR B 164 -7.86 -3.83 -2.20
C THR B 164 -6.85 -4.97 -2.26
N GLU B 165 -5.90 -4.92 -1.32
CA GLU B 165 -5.07 -6.09 -1.08
C GLU B 165 -5.90 -7.17 -0.40
N GLN B 166 -5.46 -8.41 -0.58
CA GLN B 166 -6.13 -9.56 0.01
C GLN B 166 -6.29 -9.37 1.52
N ASP B 167 -7.50 -9.65 2.02
CA ASP B 167 -7.78 -9.43 3.43
C ASP B 167 -6.97 -10.39 4.29
N SER B 168 -6.42 -9.87 5.39
CA SER B 168 -5.51 -10.66 6.22
C SER B 168 -6.22 -11.70 7.07
N LYS B 169 -7.56 -11.68 7.13
CA LYS B 169 -8.31 -12.69 7.87
C LYS B 169 -9.08 -13.65 6.99
N ASP B 170 -9.85 -13.17 6.01
CA ASP B 170 -10.66 -14.06 5.19
C ASP B 170 -10.16 -14.19 3.75
N SER B 171 -9.05 -13.56 3.41
CA SER B 171 -8.38 -13.72 2.11
C SER B 171 -9.21 -13.23 0.92
N THR B 172 -10.23 -12.40 1.15
CA THR B 172 -11.01 -11.88 0.03
C THR B 172 -10.49 -10.53 -0.45
N TYR B 173 -11.06 -10.08 -1.56
CA TYR B 173 -10.80 -8.79 -2.16
C TYR B 173 -12.08 -7.96 -2.14
N SER B 174 -11.91 -6.65 -2.24
CA SER B 174 -13.01 -5.74 -2.56
C SER B 174 -12.56 -4.80 -3.66
N LEU B 175 -13.52 -4.29 -4.41
CA LEU B 175 -13.25 -3.49 -5.59
C LEU B 175 -14.23 -2.33 -5.63
N SER B 176 -13.74 -1.17 -6.01
N SER B 176 -13.76 -1.18 -6.08
CA SER B 176 -14.56 -0.01 -6.29
CA SER B 176 -14.62 -0.01 -6.25
C SER B 176 -14.46 0.31 -7.77
C SER B 176 -14.46 0.51 -7.67
N SER B 177 -15.58 0.67 -8.36
CA SER B 177 -15.62 1.19 -9.72
C SER B 177 -16.34 2.53 -9.67
N THR B 178 -15.75 3.55 -10.27
CA THR B 178 -16.28 4.90 -10.24
C THR B 178 -16.51 5.35 -11.67
N LEU B 179 -17.77 5.68 -11.98
CA LEU B 179 -18.18 6.26 -13.25
C LEU B 179 -18.25 7.78 -13.10
N THR B 180 -17.46 8.49 -13.89
CA THR B 180 -17.36 9.95 -13.77
C THR B 180 -18.05 10.57 -14.97
N LEU B 181 -19.10 11.36 -14.71
CA LEU B 181 -19.87 12.03 -15.73
C LEU B 181 -19.90 13.52 -15.46
N SER B 182 -20.20 14.30 -16.51
CA SER B 182 -20.58 15.69 -16.28
C SER B 182 -21.98 15.71 -15.68
N LYS B 183 -22.28 16.79 -14.95
CA LYS B 183 -23.63 16.93 -14.42
C LYS B 183 -24.66 17.01 -15.54
N ALA B 184 -24.36 17.75 -16.62
CA ALA B 184 -25.32 17.85 -17.72
C ALA B 184 -25.63 16.48 -18.31
N ASP B 185 -24.59 15.67 -18.53
CA ASP B 185 -24.80 14.33 -19.04
C ASP B 185 -25.59 13.49 -18.07
N TYR B 186 -25.27 13.58 -16.77
CA TYR B 186 -26.01 12.84 -15.76
C TYR B 186 -27.51 13.21 -15.79
N GLU B 187 -27.80 14.50 -15.98
CA GLU B 187 -29.16 15.00 -16.05
C GLU B 187 -29.89 14.59 -17.32
N LYS B 188 -29.19 14.08 -18.34
CA LYS B 188 -29.88 13.62 -19.54
C LYS B 188 -30.49 12.21 -19.44
N HIS B 189 -30.24 11.44 -18.38
CA HIS B 189 -30.55 10.01 -18.39
C HIS B 189 -31.28 9.58 -17.12
N LYS B 190 -31.99 8.45 -17.21
CA LYS B 190 -32.78 7.93 -16.11
C LYS B 190 -32.05 6.86 -15.30
N VAL B 191 -31.61 5.78 -15.94
CA VAL B 191 -31.18 4.56 -15.26
C VAL B 191 -29.66 4.51 -15.23
N TYR B 192 -29.11 4.31 -14.04
CA TYR B 192 -27.67 4.12 -13.86
C TYR B 192 -27.44 2.74 -13.30
N ALA B 193 -26.64 1.92 -13.99
CA ALA B 193 -26.55 0.51 -13.65
C ALA B 193 -25.10 0.05 -13.65
N CYS B 194 -24.75 -0.71 -12.62
CA CYS B 194 -23.48 -1.41 -12.48
C CYS B 194 -23.74 -2.90 -12.71
N GLU B 195 -23.00 -3.52 -13.64
CA GLU B 195 -23.18 -4.93 -13.96
C GLU B 195 -21.88 -5.66 -13.67
N VAL B 196 -21.99 -6.77 -12.95
CA VAL B 196 -20.84 -7.47 -12.40
C VAL B 196 -20.86 -8.91 -12.87
N THR B 197 -19.72 -9.37 -13.37
CA THR B 197 -19.48 -10.78 -13.63
C THR B 197 -18.34 -11.25 -12.75
N HIS B 198 -18.47 -12.48 -12.25
CA HIS B 198 -17.50 -13.07 -11.34
C HIS B 198 -17.74 -14.56 -11.29
N GLN B 199 -16.68 -15.31 -10.96
CA GLN B 199 -16.78 -16.77 -10.97
C GLN B 199 -17.83 -17.26 -9.98
N GLY B 200 -18.07 -16.49 -8.91
CA GLY B 200 -19.14 -16.83 -7.99
C GLY B 200 -20.54 -16.45 -8.43
N LEU B 201 -20.69 -15.85 -9.60
CA LEU B 201 -21.99 -15.41 -10.11
C LEU B 201 -22.34 -16.20 -11.36
N SER B 202 -23.47 -16.91 -11.33
CA SER B 202 -23.87 -17.70 -12.49
C SER B 202 -24.36 -16.80 -13.63
N SER B 203 -24.91 -15.64 -13.30
CA SER B 203 -25.36 -14.67 -14.28
C SER B 203 -24.90 -13.30 -13.80
N PRO B 204 -24.73 -12.34 -14.70
CA PRO B 204 -24.29 -11.01 -14.26
C PRO B 204 -25.29 -10.41 -13.28
N VAL B 205 -24.75 -9.80 -12.22
CA VAL B 205 -25.55 -9.07 -11.23
C VAL B 205 -25.66 -7.62 -11.69
N THR B 206 -26.87 -7.07 -11.66
CA THR B 206 -27.05 -5.66 -11.98
C THR B 206 -27.62 -4.96 -10.76
N LYS B 207 -26.94 -3.89 -10.33
CA LYS B 207 -27.47 -2.97 -9.33
C LYS B 207 -27.68 -1.62 -9.99
N SER B 208 -28.84 -1.02 -9.76
CA SER B 208 -29.22 0.13 -10.57
C SER B 208 -29.99 1.14 -9.71
N PHE B 209 -30.06 2.36 -10.21
CA PHE B 209 -30.97 3.34 -9.62
C PHE B 209 -31.45 4.31 -10.69
N ASN B 210 -32.55 5.00 -10.37
CA ASN B 210 -33.01 6.10 -11.19
C ASN B 210 -32.50 7.43 -10.63
N ARG B 211 -32.06 8.31 -11.53
CA ARG B 211 -31.66 9.65 -11.12
C ARG B 211 -32.78 10.30 -10.31
N GLY B 212 -32.39 10.97 -9.22
CA GLY B 212 -33.32 11.75 -8.45
C GLY B 212 -34.16 10.98 -7.45
N GLU B 213 -33.84 9.72 -7.20
CA GLU B 213 -34.64 8.90 -6.32
C GLU B 213 -33.99 8.77 -4.93
#